data_5UCU
#
_entry.id   5UCU
#
_cell.length_a   53.766
_cell.length_b   53.766
_cell.length_c   193.254
_cell.angle_alpha   90.00
_cell.angle_beta   90.00
_cell.angle_gamma   90.00
#
_symmetry.space_group_name_H-M   'P 41 21 2'
#
loop_
_entity.id
_entity.type
_entity.pdbx_description
1 polymer 'Hemoglobin subunit alpha'
2 polymer 'Hemoglobin subunit beta'
3 non-polymer 'PROTOPORPHYRIN IX CONTAINING FE'
4 non-polymer 'HYDROSULFURIC ACID'
5 water water
#
loop_
_entity_poly.entity_id
_entity_poly.type
_entity_poly.pdbx_seq_one_letter_code
_entity_poly.pdbx_strand_id
1 'polypeptide(L)'
;VLSPADKTNVKAAWGKVGAHAGEYGAEALERMFLSFPTTKTYFPHFDLSHGSAQVKGHGKKVADALTNAVAHVDDMPNAL
SALSDLHAHKLRVDPVNFKLLSHCLLVTLAAHLPAEFTPAVHASLDKFLASVSTVLTSKYR
;
A
2 'polypeptide(L)'
;VHLTPEEKSAVTALWGKVNVDEVGGEALGRLLVVYPWTQRFFESFGDLSTPDAVMGNPKVKAHGKKVLGAFSDGLAHLDN
LKGTFATLSELHCDKLHVDPENFRLLGNVLVCVLAHHFGKEFTPPVQAAYQKVVAGVANALAHKYH
;
B
#
loop_
_chem_comp.id
_chem_comp.type
_chem_comp.name
_chem_comp.formula
H2S non-polymer 'HYDROSULFURIC ACID' 'H2 S'
HEM non-polymer 'PROTOPORPHYRIN IX CONTAINING FE' 'C34 H32 Fe N4 O4'
#
# COMPACT_ATOMS: atom_id res chain seq x y z
N VAL A 1 -10.04 -12.37 -10.91
CA VAL A 1 -9.66 -13.77 -11.09
C VAL A 1 -8.30 -14.05 -10.46
N LEU A 2 -8.31 -14.79 -9.35
CA LEU A 2 -7.06 -15.28 -8.76
C LEU A 2 -6.58 -16.48 -9.56
N SER A 3 -5.37 -16.38 -10.10
CA SER A 3 -4.77 -17.46 -10.86
C SER A 3 -4.35 -18.59 -9.92
N PRO A 4 -4.03 -19.77 -10.47
CA PRO A 4 -3.46 -20.83 -9.62
C PRO A 4 -2.19 -20.40 -8.90
N ALA A 5 -1.32 -19.65 -9.58
CA ALA A 5 -0.10 -19.18 -8.92
C ALA A 5 -0.43 -18.19 -7.80
N ASP A 6 -1.46 -17.36 -8.00
CA ASP A 6 -1.87 -16.42 -6.96
C ASP A 6 -2.34 -17.15 -5.71
N LYS A 7 -3.15 -18.20 -5.88
CA LYS A 7 -3.64 -18.95 -4.72
C LYS A 7 -2.50 -19.63 -3.99
N THR A 8 -1.56 -20.21 -4.73
CA THR A 8 -0.37 -20.81 -4.11
C THR A 8 0.41 -19.76 -3.33
N ASN A 9 0.63 -18.58 -3.93
CA ASN A 9 1.39 -17.53 -3.26
C ASN A 9 0.70 -17.04 -1.99
N VAL A 10 -0.62 -16.86 -2.06
CA VAL A 10 -1.35 -16.35 -0.89
C VAL A 10 -1.36 -17.39 0.23
N LYS A 11 -1.60 -18.66 -0.12
CA LYS A 11 -1.51 -19.74 0.86
C LYS A 11 -0.16 -19.77 1.55
N ALA A 12 0.92 -19.65 0.76
CA ALA A 12 2.26 -19.72 1.31
C ALA A 12 2.54 -18.56 2.26
N ALA A 13 2.26 -17.33 1.82
CA ALA A 13 2.57 -16.16 2.63
C ALA A 13 1.73 -16.14 3.90
N TRP A 14 0.43 -16.37 3.79
CA TRP A 14 -0.42 -16.39 4.97
C TRP A 14 -0.10 -17.58 5.86
N GLY A 15 0.33 -18.70 5.27
CA GLY A 15 0.76 -19.84 6.06
C GLY A 15 1.97 -19.51 6.92
N LYS A 16 2.90 -18.70 6.39
CA LYS A 16 4.05 -18.29 7.18
C LYS A 16 3.69 -17.27 8.25
N VAL A 17 2.57 -16.55 8.08
CA VAL A 17 2.10 -15.64 9.11
C VAL A 17 1.85 -16.39 10.42
N GLY A 18 1.31 -17.61 10.31
CA GLY A 18 1.13 -18.48 11.46
C GLY A 18 0.29 -17.85 12.54
N ALA A 19 0.60 -18.22 13.78
CA ALA A 19 -0.13 -17.75 14.95
C ALA A 19 0.07 -16.27 15.26
N HIS A 20 0.86 -15.56 14.47
CA HIS A 20 0.94 -14.12 14.58
C HIS A 20 -0.23 -13.41 13.92
N ALA A 21 -1.12 -14.15 13.25
CA ALA A 21 -2.20 -13.55 12.47
C ALA A 21 -2.99 -12.52 13.28
N GLY A 22 -3.33 -12.87 14.52
CA GLY A 22 -4.06 -11.92 15.35
C GLY A 22 -3.30 -10.64 15.60
N GLU A 23 -2.02 -10.75 15.96
CA GLU A 23 -1.19 -9.57 16.20
C GLU A 23 -1.05 -8.71 14.94
N TYR A 24 -0.89 -9.37 13.78
CA TYR A 24 -0.72 -8.60 12.54
C TYR A 24 -1.99 -7.88 12.16
N GLY A 25 -3.15 -8.48 12.40
CA GLY A 25 -4.40 -7.79 12.14
C GLY A 25 -4.55 -6.55 12.99
N ALA A 26 -4.16 -6.65 14.27
CA ALA A 26 -4.23 -5.49 15.14
C ALA A 26 -3.26 -4.39 14.70
N GLU A 27 -2.07 -4.78 14.24
CA GLU A 27 -1.11 -3.79 13.74
C GLU A 27 -1.61 -3.11 12.47
N ALA A 28 -2.21 -3.87 11.56
CA ALA A 28 -2.76 -3.26 10.36
C ALA A 28 -3.85 -2.25 10.71
N LEU A 29 -4.69 -2.57 11.69
CA LEU A 29 -5.71 -1.62 12.12
C LEU A 29 -5.08 -0.34 12.68
N GLU A 30 -4.09 -0.49 13.57
CA GLU A 30 -3.43 0.70 14.10
C GLU A 30 -2.78 1.50 12.97
N ARG A 31 -2.12 0.82 12.02
CA ARG A 31 -1.56 1.52 10.87
C ARG A 31 -2.64 2.33 10.16
N MET A 32 -3.81 1.73 9.94
CA MET A 32 -4.87 2.44 9.23
C MET A 32 -5.37 3.65 10.02
N PHE A 33 -5.58 3.48 11.33
CA PHE A 33 -6.13 4.57 12.12
C PHE A 33 -5.18 5.77 12.17
N LEU A 34 -3.87 5.50 12.20
CA LEU A 34 -2.89 6.57 12.29
C LEU A 34 -2.64 7.22 10.93
N SER A 35 -2.59 6.41 9.87
CA SER A 35 -2.28 6.91 8.54
C SER A 35 -3.48 7.58 7.88
N PHE A 36 -4.69 7.12 8.19
CA PHE A 36 -5.90 7.55 7.50
C PHE A 36 -6.96 7.84 8.57
N PRO A 37 -6.86 9.00 9.22
CA PRO A 37 -7.66 9.24 10.43
C PRO A 37 -9.16 9.23 10.18
N THR A 38 -9.60 9.42 8.95
N THR A 38 -9.61 9.44 8.95
CA THR A 38 -11.02 9.37 8.61
CA THR A 38 -11.05 9.37 8.69
C THR A 38 -11.63 8.01 8.97
C THR A 38 -11.63 8.01 9.04
N THR A 39 -10.82 6.95 8.96
CA THR A 39 -11.33 5.62 9.29
C THR A 39 -11.71 5.47 10.75
N LYS A 40 -11.21 6.36 11.63
CA LYS A 40 -11.48 6.23 13.06
C LYS A 40 -12.95 6.45 13.41
N THR A 41 -13.69 7.17 12.57
CA THR A 41 -15.08 7.49 12.91
C THR A 41 -15.96 6.25 12.93
N TYR A 42 -15.54 5.15 12.31
CA TYR A 42 -16.29 3.90 12.38
C TYR A 42 -16.14 3.20 13.72
N PHE A 43 -15.21 3.63 14.56
CA PHE A 43 -14.95 3.00 15.84
C PHE A 43 -14.98 4.04 16.95
N PRO A 44 -16.10 4.75 17.13
CA PRO A 44 -16.14 5.77 18.18
C PRO A 44 -16.17 5.17 19.57
N HIS A 45 -16.68 3.94 19.70
CA HIS A 45 -16.75 3.23 20.96
C HIS A 45 -15.50 2.40 21.23
N PHE A 46 -14.51 2.44 20.35
CA PHE A 46 -13.23 1.80 20.60
C PHE A 46 -12.30 2.78 21.28
N ASP A 47 -11.46 2.27 22.16
CA ASP A 47 -10.23 2.99 22.51
C ASP A 47 -9.19 2.62 21.47
N LEU A 48 -8.75 3.59 20.67
CA LEU A 48 -7.84 3.32 19.58
C LEU A 48 -6.39 3.57 19.95
N SER A 49 -6.10 3.80 21.23
CA SER A 49 -4.74 4.02 21.67
C SER A 49 -3.90 2.75 21.49
N HIS A 50 -2.59 2.94 21.41
CA HIS A 50 -1.68 1.80 21.27
C HIS A 50 -1.81 0.86 22.46
N GLY A 51 -1.80 -0.44 22.18
CA GLY A 51 -1.97 -1.44 23.21
C GLY A 51 -3.40 -1.67 23.64
N SER A 52 -4.37 -1.06 22.95
CA SER A 52 -5.77 -1.22 23.32
C SER A 52 -6.21 -2.67 23.17
N ALA A 53 -6.85 -3.20 24.21
CA ALA A 53 -7.36 -4.57 24.15
C ALA A 53 -8.48 -4.70 23.14
N GLN A 54 -9.22 -3.62 22.88
CA GLN A 54 -10.29 -3.70 21.89
C GLN A 54 -9.71 -3.83 20.48
N VAL A 55 -8.63 -3.11 20.19
CA VAL A 55 -8.01 -3.21 18.87
C VAL A 55 -7.33 -4.56 18.70
N LYS A 56 -6.68 -5.05 19.77
CA LYS A 56 -6.07 -6.38 19.72
C LYS A 56 -7.12 -7.46 19.47
N GLY A 57 -8.24 -7.39 20.19
CA GLY A 57 -9.29 -8.38 19.98
C GLY A 57 -9.92 -8.28 18.61
N HIS A 58 -10.09 -7.05 18.11
CA HIS A 58 -10.67 -6.90 16.78
C HIS A 58 -9.71 -7.35 15.69
N GLY A 59 -8.41 -7.07 15.86
CA GLY A 59 -7.44 -7.54 14.89
C GLY A 59 -7.43 -9.04 14.74
N LYS A 60 -7.74 -9.77 15.81
CA LYS A 60 -7.85 -11.22 15.71
C LYS A 60 -9.06 -11.63 14.88
N LYS A 61 -10.18 -10.91 15.05
CA LYS A 61 -11.37 -11.18 14.24
C LYS A 61 -11.09 -10.93 12.76
N VAL A 62 -10.41 -9.82 12.44
CA VAL A 62 -10.05 -9.52 11.05
C VAL A 62 -9.16 -10.61 10.48
N ALA A 63 -8.12 -11.00 11.24
CA ALA A 63 -7.22 -12.05 10.77
C ALA A 63 -7.97 -13.36 10.54
N ASP A 64 -8.89 -13.71 11.43
CA ASP A 64 -9.65 -14.95 11.28
C ASP A 64 -10.55 -14.90 10.05
N ALA A 65 -11.08 -13.72 9.71
CA ALA A 65 -11.88 -13.58 8.49
C ALA A 65 -11.02 -13.80 7.25
N LEU A 66 -9.82 -13.23 7.24
CA LEU A 66 -8.92 -13.44 6.10
C LEU A 66 -8.49 -14.90 6.02
N THR A 67 -8.23 -15.54 7.16
CA THR A 67 -7.89 -16.95 7.15
C THR A 67 -9.02 -17.78 6.58
N ASN A 68 -10.26 -17.44 6.93
CA ASN A 68 -11.41 -18.11 6.34
C ASN A 68 -11.46 -17.90 4.83
N ALA A 69 -11.18 -16.67 4.38
CA ALA A 69 -11.16 -16.40 2.94
C ALA A 69 -10.07 -17.20 2.24
N VAL A 70 -8.87 -17.29 2.83
CA VAL A 70 -7.81 -18.10 2.24
C VAL A 70 -8.24 -19.57 2.14
N ALA A 71 -8.82 -20.10 3.21
CA ALA A 71 -9.21 -21.51 3.26
C ALA A 71 -10.34 -21.82 2.30
N HIS A 72 -11.07 -20.81 1.83
CA HIS A 72 -12.21 -20.97 0.92
C HIS A 72 -12.05 -20.02 -0.25
N VAL A 73 -10.84 -19.98 -0.80
CA VAL A 73 -10.49 -18.97 -1.80
C VAL A 73 -11.29 -19.12 -3.07
N ASP A 74 -11.77 -20.34 -3.37
CA ASP A 74 -12.58 -20.56 -4.56
C ASP A 74 -14.05 -20.24 -4.34
N ASP A 75 -14.45 -19.95 -3.10
CA ASP A 75 -15.85 -19.78 -2.72
C ASP A 75 -16.00 -18.62 -1.76
N MET A 76 -15.29 -17.52 -2.02
CA MET A 76 -15.24 -16.40 -1.09
C MET A 76 -16.58 -15.68 -0.91
N PRO A 77 -17.35 -15.41 -1.98
CA PRO A 77 -18.67 -14.79 -1.75
C PRO A 77 -19.52 -15.53 -0.73
N ASN A 78 -19.53 -16.87 -0.78
CA ASN A 78 -20.32 -17.65 0.18
C ASN A 78 -19.71 -17.57 1.57
N ALA A 79 -18.40 -17.77 1.68
CA ALA A 79 -17.74 -17.76 2.99
C ALA A 79 -17.88 -16.40 3.69
N LEU A 80 -17.81 -15.32 2.95
CA LEU A 80 -17.83 -13.97 3.52
C LEU A 80 -19.21 -13.31 3.42
N SER A 81 -20.26 -14.09 3.17
CA SER A 81 -21.58 -13.50 2.92
CA SER A 81 -21.58 -13.50 2.92
C SER A 81 -22.07 -12.73 4.14
N ALA A 82 -21.98 -13.32 5.32
CA ALA A 82 -22.45 -12.64 6.53
C ALA A 82 -21.62 -11.39 6.80
N LEU A 83 -20.32 -11.45 6.53
CA LEU A 83 -19.46 -10.28 6.71
C LEU A 83 -19.80 -9.18 5.73
N SER A 84 -20.16 -9.53 4.50
CA SER A 84 -20.50 -8.49 3.53
C SER A 84 -21.81 -7.80 3.89
N ASP A 85 -22.79 -8.58 4.37
CA ASP A 85 -24.02 -8.00 4.90
C ASP A 85 -23.73 -7.01 6.01
N LEU A 86 -22.87 -7.37 6.95
CA LEU A 86 -22.57 -6.50 8.09
C LEU A 86 -21.97 -5.17 7.63
N HIS A 87 -20.95 -5.22 6.80
CA HIS A 87 -20.21 -4.01 6.42
C HIS A 87 -21.04 -3.08 5.57
N ALA A 88 -21.81 -3.64 4.65
CA ALA A 88 -22.57 -2.80 3.71
C ALA A 88 -23.85 -2.30 4.34
N HIS A 89 -24.65 -3.21 4.92
CA HIS A 89 -25.98 -2.84 5.40
C HIS A 89 -25.90 -2.11 6.73
N LYS A 90 -25.32 -2.73 7.76
CA LYS A 90 -25.36 -2.19 9.11
C LYS A 90 -24.33 -1.09 9.34
N LEU A 91 -23.08 -1.35 8.99
CA LEU A 91 -22.01 -0.39 9.25
C LEU A 91 -21.92 0.66 8.16
N ARG A 92 -22.41 0.37 6.97
CA ARG A 92 -22.35 1.28 5.83
C ARG A 92 -20.93 1.82 5.64
N VAL A 93 -19.97 0.91 5.55
CA VAL A 93 -18.58 1.30 5.37
C VAL A 93 -18.37 1.82 3.95
N ASP A 94 -17.78 3.00 3.86
CA ASP A 94 -17.40 3.60 2.59
C ASP A 94 -16.44 2.66 1.83
N PRO A 95 -16.74 2.33 0.57
CA PRO A 95 -15.86 1.39 -0.16
C PRO A 95 -14.41 1.83 -0.28
N VAL A 96 -14.13 3.14 -0.27
N VAL A 96 -14.16 3.14 -0.27
CA VAL A 96 -12.75 3.58 -0.36
CA VAL A 96 -12.79 3.66 -0.30
C VAL A 96 -11.94 3.09 0.85
C VAL A 96 -11.97 3.06 0.83
N ASN A 97 -12.60 2.82 1.97
CA ASN A 97 -11.86 2.42 3.16
C ASN A 97 -11.28 1.02 3.05
N PHE A 98 -11.88 0.15 2.23
CA PHE A 98 -11.30 -1.18 2.07
C PHE A 98 -9.95 -1.12 1.38
N LYS A 99 -9.76 -0.15 0.46
CA LYS A 99 -8.44 0.03 -0.13
C LYS A 99 -7.43 0.45 0.92
N LEU A 100 -7.86 1.26 1.88
CA LEU A 100 -6.94 1.74 2.91
C LEU A 100 -6.51 0.60 3.84
N LEU A 101 -7.47 -0.22 4.30
CA LEU A 101 -7.09 -1.33 5.16
C LEU A 101 -6.26 -2.36 4.40
N SER A 102 -6.61 -2.62 3.14
CA SER A 102 -5.82 -3.56 2.34
C SER A 102 -4.38 -3.10 2.22
N HIS A 103 -4.17 -1.80 2.00
CA HIS A 103 -2.81 -1.28 1.91
C HIS A 103 -2.08 -1.47 3.24
N CYS A 104 -2.74 -1.20 4.36
CA CYS A 104 -2.08 -1.33 5.65
C CYS A 104 -1.80 -2.80 5.98
N LEU A 105 -2.64 -3.73 5.51
CA LEU A 105 -2.35 -5.14 5.67
C LEU A 105 -1.11 -5.55 4.88
N LEU A 106 -0.97 -5.05 3.64
CA LEU A 106 0.24 -5.32 2.87
C LEU A 106 1.47 -4.75 3.55
N VAL A 107 1.38 -3.53 4.06
CA VAL A 107 2.51 -2.92 4.76
C VAL A 107 2.90 -3.76 5.96
N THR A 108 1.91 -4.23 6.72
CA THR A 108 2.17 -5.09 7.88
C THR A 108 2.86 -6.38 7.47
N LEU A 109 2.38 -7.03 6.41
CA LEU A 109 3.02 -8.25 5.93
C LEU A 109 4.44 -7.98 5.45
N ALA A 110 4.64 -6.87 4.73
CA ALA A 110 5.98 -6.52 4.26
C ALA A 110 6.94 -6.31 5.43
N ALA A 111 6.45 -5.66 6.50
CA ALA A 111 7.32 -5.35 7.63
C ALA A 111 7.66 -6.58 8.46
N HIS A 112 6.88 -7.66 8.34
CA HIS A 112 7.13 -8.84 9.16
C HIS A 112 7.68 -10.04 8.39
N LEU A 113 7.51 -10.09 7.06
CA LEU A 113 7.91 -11.26 6.27
C LEU A 113 8.82 -10.84 5.13
N PRO A 114 10.05 -10.41 5.44
CA PRO A 114 10.95 -9.95 4.36
C PRO A 114 11.23 -10.99 3.32
N ALA A 115 11.28 -12.28 3.68
CA ALA A 115 11.57 -13.32 2.69
C ALA A 115 10.36 -13.61 1.80
N GLU A 116 9.15 -13.57 2.36
CA GLU A 116 7.96 -13.96 1.60
C GLU A 116 7.46 -12.86 0.68
N PHE A 117 7.73 -11.60 1.00
CA PHE A 117 7.12 -10.47 0.32
C PHE A 117 7.90 -10.07 -0.94
N THR A 118 8.04 -11.05 -1.84
CA THR A 118 8.63 -10.82 -3.16
C THR A 118 7.66 -10.02 -4.03
N PRO A 119 8.12 -9.47 -5.16
CA PRO A 119 7.18 -8.79 -6.06
C PRO A 119 6.03 -9.67 -6.52
N ALA A 120 6.30 -10.94 -6.86
CA ALA A 120 5.23 -11.82 -7.28
C ALA A 120 4.21 -12.05 -6.17
N VAL A 121 4.68 -12.26 -4.93
CA VAL A 121 3.77 -12.51 -3.82
C VAL A 121 3.03 -11.23 -3.45
N HIS A 122 3.72 -10.09 -3.50
CA HIS A 122 3.08 -8.78 -3.33
C HIS A 122 1.91 -8.63 -4.30
N ALA A 123 2.12 -8.95 -5.58
CA ALA A 123 1.04 -8.86 -6.56
C ALA A 123 -0.12 -9.79 -6.20
N SER A 124 0.18 -11.03 -5.81
CA SER A 124 -0.87 -11.98 -5.45
C SER A 124 -1.64 -11.53 -4.22
N LEU A 125 -0.94 -11.03 -3.20
CA LEU A 125 -1.63 -10.58 -2.00
C LEU A 125 -2.51 -9.37 -2.29
N ASP A 126 -2.04 -8.46 -3.13
CA ASP A 126 -2.88 -7.32 -3.51
C ASP A 126 -4.14 -7.78 -4.21
N LYS A 127 -4.02 -8.74 -5.14
CA LYS A 127 -5.22 -9.24 -5.82
C LYS A 127 -6.14 -9.95 -4.85
N PHE A 128 -5.58 -10.69 -3.89
CA PHE A 128 -6.39 -11.37 -2.88
C PHE A 128 -7.17 -10.38 -2.05
N LEU A 129 -6.50 -9.35 -1.52
CA LEU A 129 -7.19 -8.36 -0.70
C LEU A 129 -8.19 -7.55 -1.50
N ALA A 130 -7.89 -7.31 -2.78
CA ALA A 130 -8.89 -6.65 -3.63
C ALA A 130 -10.12 -7.54 -3.81
N SER A 131 -9.91 -8.86 -3.91
N SER A 131 -9.90 -8.86 -3.93
CA SER A 131 -11.06 -9.76 -4.07
CA SER A 131 -11.02 -9.78 -4.07
C SER A 131 -11.87 -9.84 -2.79
C SER A 131 -11.86 -9.83 -2.79
N VAL A 132 -11.20 -9.87 -1.63
CA VAL A 132 -11.94 -9.81 -0.37
C VAL A 132 -12.73 -8.51 -0.28
N SER A 133 -12.09 -7.40 -0.65
CA SER A 133 -12.76 -6.09 -0.59
C SER A 133 -13.97 -6.04 -1.51
N THR A 134 -13.84 -6.61 -2.71
CA THR A 134 -14.97 -6.67 -3.63
C THR A 134 -16.14 -7.43 -3.03
N VAL A 135 -15.88 -8.55 -2.37
CA VAL A 135 -16.95 -9.30 -1.72
C VAL A 135 -17.57 -8.48 -0.59
N LEU A 136 -16.74 -7.85 0.24
CA LEU A 136 -17.26 -7.12 1.39
C LEU A 136 -18.04 -5.87 0.98
N THR A 137 -17.89 -5.38 -0.25
CA THR A 137 -18.63 -4.21 -0.72
C THR A 137 -19.76 -4.56 -1.68
N SER A 138 -20.04 -5.84 -1.87
CA SER A 138 -20.95 -6.26 -2.92
C SER A 138 -22.42 -6.09 -2.56
N LYS A 139 -22.74 -5.62 -1.35
CA LYS A 139 -24.10 -5.76 -0.82
C LYS A 139 -24.76 -4.42 -0.47
N TYR A 140 -24.26 -3.30 -0.99
CA TYR A 140 -24.94 -2.02 -0.73
C TYR A 140 -26.31 -2.02 -1.40
N VAL B 1 2.31 20.30 2.38
CA VAL B 1 1.74 19.56 3.50
C VAL B 1 2.55 19.84 4.75
N HIS B 2 1.95 19.65 5.92
CA HIS B 2 2.57 20.01 7.19
C HIS B 2 2.81 18.76 8.03
N LEU B 3 4.07 18.45 8.27
CA LEU B 3 4.46 17.41 9.20
C LEU B 3 4.80 18.05 10.54
N THR B 4 4.47 17.37 11.63
CA THR B 4 4.93 17.82 12.93
C THR B 4 6.44 17.60 13.01
N PRO B 5 7.13 18.30 13.92
CA PRO B 5 8.56 18.03 14.11
C PRO B 5 8.86 16.57 14.37
N GLU B 6 8.00 15.87 15.13
CA GLU B 6 8.20 14.45 15.34
C GLU B 6 8.02 13.67 14.05
N GLU B 7 7.06 14.08 13.22
CA GLU B 7 6.87 13.43 11.92
C GLU B 7 8.07 13.69 11.01
N LYS B 8 8.54 14.93 10.96
CA LYS B 8 9.72 15.24 10.17
C LYS B 8 10.91 14.41 10.63
N SER B 9 11.10 14.32 11.95
CA SER B 9 12.18 13.53 12.52
C SER B 9 12.11 12.08 12.06
N ALA B 10 10.93 11.46 12.18
CA ALA B 10 10.77 10.07 11.78
C ALA B 10 11.10 9.87 10.30
N VAL B 11 10.63 10.78 9.44
CA VAL B 11 10.84 10.65 8.01
C VAL B 11 12.32 10.84 7.66
N THR B 12 12.94 11.88 8.22
CA THR B 12 14.30 12.22 7.87
C THR B 12 15.29 11.14 8.32
N ALA B 13 15.10 10.62 9.54
CA ALA B 13 16.02 9.61 10.05
C ALA B 13 15.98 8.35 9.19
N LEU B 14 14.79 7.94 8.75
CA LEU B 14 14.70 6.75 7.93
C LEU B 14 15.24 6.98 6.53
N TRP B 15 15.00 8.15 5.95
CA TRP B 15 15.39 8.39 4.57
C TRP B 15 16.91 8.46 4.41
N GLY B 16 17.61 8.91 5.45
CA GLY B 16 19.07 8.93 5.39
C GLY B 16 19.68 7.53 5.29
N LYS B 17 18.91 6.50 5.58
CA LYS B 17 19.39 5.12 5.51
C LYS B 17 18.94 4.40 4.25
N VAL B 18 18.25 5.09 3.35
CA VAL B 18 17.76 4.47 2.12
C VAL B 18 18.88 4.37 1.11
N ASN B 19 18.99 3.22 0.45
CA ASN B 19 19.90 3.04 -0.67
C ASN B 19 19.28 3.73 -1.89
N VAL B 20 19.79 4.91 -2.22
CA VAL B 20 19.18 5.71 -3.28
C VAL B 20 19.42 5.14 -4.67
N ASP B 21 20.32 4.18 -4.81
CA ASP B 21 20.55 3.54 -6.10
C ASP B 21 19.62 2.36 -6.35
N GLU B 22 18.85 1.92 -5.35
CA GLU B 22 18.08 0.68 -5.51
C GLU B 22 16.60 0.81 -5.18
N VAL B 23 16.24 1.61 -4.17
CA VAL B 23 14.86 1.61 -3.70
C VAL B 23 13.91 2.16 -4.76
N GLY B 24 14.35 3.15 -5.55
CA GLY B 24 13.51 3.65 -6.61
C GLY B 24 13.18 2.60 -7.66
N GLY B 25 14.20 1.84 -8.09
CA GLY B 25 13.94 0.76 -9.03
C GLY B 25 13.06 -0.32 -8.46
N GLU B 26 13.19 -0.58 -7.16
CA GLU B 26 12.35 -1.58 -6.51
C GLU B 26 10.89 -1.15 -6.48
N ALA B 27 10.63 0.14 -6.20
CA ALA B 27 9.26 0.62 -6.19
C ALA B 27 8.67 0.67 -7.59
N LEU B 28 9.45 1.13 -8.57
CA LEU B 28 8.93 1.18 -9.94
C LEU B 28 8.67 -0.21 -10.48
N GLY B 29 9.61 -1.14 -10.27
CA GLY B 29 9.40 -2.51 -10.69
C GLY B 29 8.14 -3.12 -10.09
N ARG B 30 7.96 -2.94 -8.78
CA ARG B 30 6.76 -3.48 -8.14
C ARG B 30 5.49 -2.82 -8.66
N LEU B 31 5.55 -1.52 -8.98
CA LEU B 31 4.39 -0.88 -9.61
C LEU B 31 4.02 -1.57 -10.91
N LEU B 32 5.03 -1.86 -11.75
CA LEU B 32 4.76 -2.49 -13.04
C LEU B 32 4.26 -3.92 -12.86
N VAL B 33 4.70 -4.61 -11.81
CA VAL B 33 4.29 -5.99 -11.59
C VAL B 33 2.89 -6.05 -10.97
N VAL B 34 2.65 -5.22 -9.95
CA VAL B 34 1.40 -5.26 -9.17
C VAL B 34 0.26 -4.60 -9.93
N TYR B 35 0.54 -3.53 -10.68
CA TYR B 35 -0.48 -2.76 -11.39
C TYR B 35 -0.13 -2.78 -12.88
N PRO B 36 -0.39 -3.90 -13.56
CA PRO B 36 0.22 -4.13 -14.89
C PRO B 36 -0.17 -3.13 -15.95
N TRP B 37 -1.27 -2.40 -15.77
CA TRP B 37 -1.64 -1.41 -16.78
C TRP B 37 -0.64 -0.27 -16.86
N THR B 38 0.17 -0.05 -15.81
CA THR B 38 1.19 0.98 -15.88
C THR B 38 2.28 0.63 -16.89
N GLN B 39 2.40 -0.63 -17.28
CA GLN B 39 3.37 -1.01 -18.30
C GLN B 39 3.06 -0.39 -19.65
N ARG B 40 1.84 0.12 -19.83
CA ARG B 40 1.48 0.82 -21.04
C ARG B 40 2.41 2.01 -21.31
N PHE B 41 2.91 2.64 -20.26
CA PHE B 41 3.74 3.84 -20.40
C PHE B 41 5.22 3.53 -20.55
N PHE B 42 5.63 2.27 -20.52
CA PHE B 42 7.04 1.91 -20.54
C PHE B 42 7.34 0.88 -21.61
N GLU B 43 6.74 1.05 -22.79
CA GLU B 43 6.95 0.10 -23.88
C GLU B 43 8.41 0.04 -24.31
N SER B 44 9.13 1.15 -24.20
CA SER B 44 10.52 1.24 -24.66
C SER B 44 11.50 0.57 -23.70
N PHE B 45 11.03 0.01 -22.59
CA PHE B 45 11.91 -0.56 -21.58
C PHE B 45 12.30 -2.00 -21.87
N GLY B 46 11.64 -2.66 -22.82
CA GLY B 46 12.04 -3.99 -23.23
C GLY B 46 11.26 -5.07 -22.49
N ASP B 47 11.97 -6.06 -21.98
CA ASP B 47 11.35 -7.26 -21.44
C ASP B 47 10.68 -6.94 -20.10
N LEU B 48 9.35 -6.94 -20.08
CA LEU B 48 8.57 -6.83 -18.85
C LEU B 48 7.58 -7.99 -18.76
N SER B 49 7.93 -9.14 -19.33
CA SER B 49 6.99 -10.26 -19.44
C SER B 49 6.79 -11.01 -18.14
N THR B 50 7.71 -10.90 -17.19
CA THR B 50 7.66 -11.65 -15.96
C THR B 50 8.18 -10.76 -14.83
N PRO B 51 7.85 -11.07 -13.57
CA PRO B 51 8.37 -10.26 -12.47
C PRO B 51 9.89 -10.22 -12.41
N ASP B 52 10.55 -11.35 -12.63
CA ASP B 52 12.02 -11.36 -12.62
C ASP B 52 12.58 -10.48 -13.73
N ALA B 53 11.95 -10.50 -14.91
CA ALA B 53 12.40 -9.65 -16.01
C ALA B 53 12.22 -8.18 -15.68
N VAL B 54 11.13 -7.83 -15.00
CA VAL B 54 10.89 -6.44 -14.61
C VAL B 54 11.95 -5.97 -13.62
N MET B 55 12.11 -6.71 -12.51
CA MET B 55 13.03 -6.28 -11.46
C MET B 55 14.48 -6.34 -11.89
N GLY B 56 14.81 -7.22 -12.84
CA GLY B 56 16.16 -7.29 -13.37
C GLY B 56 16.41 -6.39 -14.55
N ASN B 57 15.40 -5.68 -15.02
CA ASN B 57 15.53 -4.81 -16.18
C ASN B 57 16.38 -3.60 -15.84
N PRO B 58 17.47 -3.34 -16.57
CA PRO B 58 18.33 -2.19 -16.22
C PRO B 58 17.66 -0.85 -16.44
N LYS B 59 16.79 -0.74 -17.44
CA LYS B 59 16.07 0.52 -17.65
C LYS B 59 15.12 0.81 -16.49
N VAL B 60 14.57 -0.22 -15.86
CA VAL B 60 13.69 -0.01 -14.71
C VAL B 60 14.49 0.52 -13.53
N LYS B 61 15.64 -0.10 -13.25
CA LYS B 61 16.47 0.39 -12.16
C LYS B 61 16.94 1.83 -12.43
N ALA B 62 17.36 2.10 -13.66
CA ALA B 62 17.86 3.44 -14.01
C ALA B 62 16.77 4.49 -13.84
N HIS B 63 15.57 4.22 -14.38
CA HIS B 63 14.51 5.21 -14.26
C HIS B 63 14.01 5.34 -12.83
N GLY B 64 13.97 4.23 -12.07
CA GLY B 64 13.59 4.32 -10.68
C GLY B 64 14.51 5.21 -9.88
N LYS B 65 15.78 5.31 -10.29
CA LYS B 65 16.71 6.20 -9.62
C LYS B 65 16.28 7.67 -9.77
N LYS B 66 15.80 8.03 -10.95
CA LYS B 66 15.28 9.38 -11.17
C LYS B 66 14.01 9.63 -10.36
N VAL B 67 13.12 8.64 -10.29
CA VAL B 67 11.90 8.79 -9.51
C VAL B 67 12.23 9.02 -8.03
N LEU B 68 13.19 8.26 -7.50
CA LEU B 68 13.53 8.41 -6.10
C LEU B 68 14.16 9.78 -5.83
N GLY B 69 14.97 10.27 -6.77
CA GLY B 69 15.52 11.62 -6.62
C GLY B 69 14.44 12.68 -6.54
N ALA B 70 13.34 12.49 -7.27
CA ALA B 70 12.23 13.44 -7.17
C ALA B 70 11.57 13.37 -5.80
N PHE B 71 11.39 12.17 -5.25
CA PHE B 71 10.88 12.05 -3.89
C PHE B 71 11.82 12.71 -2.89
N SER B 72 13.13 12.50 -3.06
CA SER B 72 14.10 13.16 -2.18
C SER B 72 13.97 14.67 -2.25
N ASP B 73 13.78 15.21 -3.46
CA ASP B 73 13.59 16.65 -3.62
C ASP B 73 12.32 17.13 -2.92
N GLY B 74 11.26 16.32 -2.97
CA GLY B 74 10.05 16.68 -2.25
C GLY B 74 10.26 16.71 -0.75
N LEU B 75 11.03 15.74 -0.22
CA LEU B 75 11.31 15.69 1.20
C LEU B 75 12.06 16.94 1.67
N ALA B 76 12.84 17.55 0.78
CA ALA B 76 13.59 18.76 1.12
C ALA B 76 12.77 20.03 0.97
N HIS B 77 11.58 19.96 0.36
CA HIS B 77 10.75 21.14 0.13
C HIS B 77 9.29 20.82 0.48
N LEU B 78 9.08 20.39 1.72
CA LEU B 78 7.78 19.85 2.12
C LEU B 78 6.66 20.89 2.09
N ASP B 79 6.98 22.19 2.10
CA ASP B 79 5.95 23.21 2.03
C ASP B 79 6.01 24.04 0.74
N ASN B 80 6.73 23.55 -0.27
CA ASN B 80 6.55 24.00 -1.64
C ASN B 80 6.68 22.80 -2.56
N LEU B 81 5.78 21.83 -2.39
CA LEU B 81 5.74 20.71 -3.30
C LEU B 81 5.20 21.11 -4.66
N LYS B 82 4.29 22.10 -4.70
CA LYS B 82 3.69 22.51 -5.95
C LYS B 82 4.75 23.12 -6.88
N GLY B 83 5.56 24.04 -6.36
CA GLY B 83 6.64 24.59 -7.17
C GLY B 83 7.70 23.56 -7.49
N THR B 84 7.98 22.66 -6.56
CA THR B 84 9.00 21.63 -6.78
C THR B 84 8.63 20.73 -7.95
N PHE B 85 7.36 20.35 -8.06
CA PHE B 85 6.92 19.36 -9.05
C PHE B 85 6.25 19.99 -10.27
N ALA B 86 6.45 21.29 -10.49
CA ALA B 86 5.74 21.99 -11.55
C ALA B 86 6.07 21.41 -12.94
N THR B 87 7.37 21.31 -13.26
CA THR B 87 7.75 20.77 -14.56
C THR B 87 7.43 19.29 -14.68
N LEU B 88 7.54 18.57 -13.56
CA LEU B 88 7.13 17.17 -13.55
C LEU B 88 5.63 17.04 -13.74
N SER B 89 4.86 17.98 -13.18
CA SER B 89 3.41 17.92 -13.37
C SER B 89 3.04 18.15 -14.83
N GLU B 90 3.67 19.11 -15.49
CA GLU B 90 3.38 19.32 -16.90
C GLU B 90 3.75 18.11 -17.74
N LEU B 91 4.84 17.42 -17.39
N LEU B 91 4.84 17.42 -17.39
CA LEU B 91 5.24 16.23 -18.14
CA LEU B 91 5.24 16.23 -18.14
C LEU B 91 4.22 15.11 -18.02
C LEU B 91 4.23 15.11 -18.01
N HIS B 92 3.85 14.77 -16.78
CA HIS B 92 2.96 13.65 -16.53
C HIS B 92 1.53 13.93 -16.90
N CYS B 93 1.11 15.19 -16.77
CA CYS B 93 -0.28 15.54 -17.03
C CYS B 93 -0.49 15.98 -18.48
N ASP B 94 0.25 17.00 -18.93
CA ASP B 94 -0.02 17.56 -20.25
C ASP B 94 0.54 16.69 -21.37
N LYS B 95 1.69 16.04 -21.17
CA LYS B 95 2.29 15.27 -22.26
C LYS B 95 2.10 13.76 -22.16
N LEU B 96 2.22 13.18 -20.97
CA LEU B 96 2.01 11.74 -20.83
C LEU B 96 0.56 11.36 -20.59
N HIS B 97 -0.23 12.23 -19.98
CA HIS B 97 -1.62 11.94 -19.61
C HIS B 97 -1.72 10.67 -18.77
N VAL B 98 -0.90 10.59 -17.73
CA VAL B 98 -1.03 9.54 -16.73
C VAL B 98 -2.18 9.90 -15.81
N ASP B 99 -3.09 8.96 -15.55
CA ASP B 99 -4.16 9.28 -14.62
C ASP B 99 -3.56 9.48 -13.23
N PRO B 100 -3.94 10.54 -12.51
CA PRO B 100 -3.28 10.83 -11.24
C PRO B 100 -3.51 9.80 -10.16
N GLU B 101 -4.53 8.93 -10.30
CA GLU B 101 -4.66 7.83 -9.35
C GLU B 101 -3.39 7.00 -9.28
N ASN B 102 -2.66 6.91 -10.40
CA ASN B 102 -1.43 6.13 -10.39
C ASN B 102 -0.30 6.81 -9.61
N PHE B 103 -0.38 8.12 -9.39
CA PHE B 103 0.62 8.74 -8.51
C PHE B 103 0.43 8.25 -7.08
N ARG B 104 -0.83 8.12 -6.64
CA ARG B 104 -1.10 7.56 -5.32
C ARG B 104 -0.63 6.12 -5.23
N LEU B 105 -0.82 5.34 -6.30
CA LEU B 105 -0.42 3.94 -6.28
C LEU B 105 1.09 3.80 -6.11
N LEU B 106 1.86 4.55 -6.90
CA LEU B 106 3.32 4.49 -6.78
C LEU B 106 3.77 4.90 -5.40
N GLY B 107 3.14 5.95 -4.83
CA GLY B 107 3.47 6.34 -3.47
C GLY B 107 3.22 5.23 -2.46
N ASN B 108 2.09 4.53 -2.61
CA ASN B 108 1.80 3.43 -1.70
C ASN B 108 2.75 2.26 -1.91
N VAL B 109 3.20 2.02 -3.16
CA VAL B 109 4.19 0.97 -3.39
C VAL B 109 5.51 1.33 -2.72
N LEU B 110 5.92 2.60 -2.82
CA LEU B 110 7.11 3.04 -2.11
C LEU B 110 7.00 2.76 -0.61
N VAL B 111 5.83 3.04 -0.03
CA VAL B 111 5.65 2.76 1.39
C VAL B 111 5.83 1.27 1.68
N CYS B 112 5.31 0.41 0.79
CA CYS B 112 5.49 -1.04 0.94
C CYS B 112 6.96 -1.43 0.85
N VAL B 113 7.71 -0.81 -0.05
CA VAL B 113 9.14 -1.10 -0.18
C VAL B 113 9.90 -0.69 1.06
N LEU B 114 9.56 0.48 1.62
CA LEU B 114 10.21 0.93 2.85
C LEU B 114 9.91 -0.01 4.01
N ALA B 115 8.67 -0.48 4.11
CA ALA B 115 8.32 -1.44 5.16
C ALA B 115 9.10 -2.74 4.98
N HIS B 116 9.22 -3.22 3.75
CA HIS B 116 9.97 -4.43 3.46
C HIS B 116 11.44 -4.28 3.86
N HIS B 117 12.03 -3.11 3.57
CA HIS B 117 13.45 -2.95 3.80
CA HIS B 117 13.45 -2.89 3.78
C HIS B 117 13.78 -2.64 5.25
N PHE B 118 12.90 -1.93 5.96
CA PHE B 118 13.19 -1.52 7.32
C PHE B 118 12.49 -2.33 8.40
N GLY B 119 11.51 -3.17 8.03
CA GLY B 119 10.92 -4.06 9.01
C GLY B 119 10.26 -3.32 10.17
N LYS B 120 10.46 -3.83 11.38
CA LYS B 120 9.89 -3.25 12.59
C LYS B 120 10.28 -1.79 12.78
N GLU B 121 11.37 -1.34 12.16
CA GLU B 121 11.74 0.06 12.22
C GLU B 121 10.68 0.95 11.57
N PHE B 122 9.95 0.41 10.60
CA PHE B 122 8.89 1.15 9.90
C PHE B 122 7.59 1.06 10.70
N THR B 123 7.61 1.72 11.86
CA THR B 123 6.52 1.68 12.81
C THR B 123 5.26 2.35 12.25
N PRO B 124 4.09 2.10 12.86
CA PRO B 124 2.86 2.75 12.39
C PRO B 124 2.97 4.27 12.41
N PRO B 125 3.57 4.89 13.44
CA PRO B 125 3.73 6.35 13.35
C PRO B 125 4.67 6.79 12.24
N VAL B 126 5.73 6.03 11.98
CA VAL B 126 6.62 6.37 10.87
C VAL B 126 5.87 6.24 9.54
N GLN B 127 5.08 5.18 9.40
CA GLN B 127 4.26 5.05 8.19
C GLN B 127 3.31 6.22 8.04
N ALA B 128 2.63 6.61 9.11
CA ALA B 128 1.67 7.70 9.01
C ALA B 128 2.32 8.97 8.49
N ALA B 129 3.56 9.23 8.91
CA ALA B 129 4.29 10.39 8.40
C ALA B 129 4.61 10.24 6.92
N TYR B 130 5.04 9.05 6.49
CA TYR B 130 5.31 8.84 5.08
C TYR B 130 4.03 8.91 4.22
N GLN B 131 2.88 8.51 4.76
CA GLN B 131 1.65 8.63 3.97
C GLN B 131 1.33 10.10 3.70
N LYS B 132 1.62 10.97 4.67
CA LYS B 132 1.43 12.40 4.44
C LYS B 132 2.32 12.90 3.30
N VAL B 133 3.58 12.44 3.30
CA VAL B 133 4.53 12.86 2.27
C VAL B 133 4.08 12.37 0.89
N VAL B 134 3.81 11.08 0.74
CA VAL B 134 3.49 10.57 -0.59
C VAL B 134 2.16 11.13 -1.08
N ALA B 135 1.23 11.43 -0.17
CA ALA B 135 0.00 12.09 -0.57
C ALA B 135 0.26 13.51 -1.07
N GLY B 136 1.17 14.22 -0.41
CA GLY B 136 1.50 15.57 -0.85
C GLY B 136 2.21 15.58 -2.19
N VAL B 137 3.11 14.61 -2.42
CA VAL B 137 3.79 14.51 -3.71
C VAL B 137 2.79 14.20 -4.81
N ALA B 138 1.90 13.23 -4.56
CA ALA B 138 0.90 12.89 -5.57
C ALA B 138 0.02 14.08 -5.91
N ASN B 139 -0.39 14.85 -4.89
N ASN B 139 -0.39 14.86 -4.90
CA ASN B 139 -1.23 16.01 -5.13
CA ASN B 139 -1.25 16.00 -5.16
C ASN B 139 -0.50 17.07 -5.94
C ASN B 139 -0.51 17.10 -5.91
N ALA B 140 0.79 17.28 -5.65
CA ALA B 140 1.56 18.28 -6.38
C ALA B 140 1.80 17.85 -7.82
N LEU B 141 2.09 16.56 -8.04
CA LEU B 141 2.25 16.05 -9.40
C LEU B 141 0.98 16.21 -10.20
N ALA B 142 -0.18 16.17 -9.55
CA ALA B 142 -1.46 16.25 -10.23
C ALA B 142 -1.99 17.67 -10.38
N HIS B 143 -1.22 18.70 -9.99
CA HIS B 143 -1.76 20.05 -9.97
C HIS B 143 -2.16 20.52 -11.37
N LYS B 144 -1.46 20.08 -12.41
CA LYS B 144 -1.81 20.47 -13.77
C LYS B 144 -3.15 19.88 -14.21
N TYR B 145 -3.68 18.88 -13.50
CA TYR B 145 -5.06 18.46 -13.70
C TYR B 145 -6.05 19.26 -12.88
N HIS B 146 -5.59 19.93 -11.83
CA HIS B 146 -6.47 20.48 -10.79
C HIS B 146 -7.16 21.78 -11.21
CHA HEM C . -16.33 -5.66 12.15
CHB HEM C . -13.51 -8.01 8.95
CHC HEM C . -12.71 -3.88 6.59
CHD HEM C . -15.17 -1.46 9.99
C1A HEM C . -15.64 -6.67 11.51
C2A HEM C . -15.56 -8.07 11.90
C3A HEM C . -14.78 -8.70 11.02
C4A HEM C . -14.33 -7.74 10.04
CMA HEM C . -14.40 -10.20 11.02
CAA HEM C . -16.26 -8.68 13.14
CBA HEM C . -17.53 -9.40 12.72
CGA HEM C . -18.31 -9.76 13.96
O1A HEM C . -17.76 -9.63 15.07
O2A HEM C . -19.49 -10.18 13.81
C1B HEM C . -13.05 -7.11 8.02
C2B HEM C . -12.16 -7.41 6.92
C3B HEM C . -11.94 -6.25 6.24
C4B HEM C . -12.67 -5.20 6.93
CMB HEM C . -11.63 -8.83 6.60
CAB HEM C . -11.07 -5.96 5.00
CBB HEM C . -10.12 -6.77 4.54
C1C HEM C . -13.26 -2.85 7.33
C2C HEM C . -13.10 -1.44 7.07
C3C HEM C . -13.79 -0.76 8.01
C4C HEM C . -14.38 -1.74 8.89
CMC HEM C . -12.27 -0.89 5.88
CAC HEM C . -13.93 0.77 8.20
CBC HEM C . -12.93 1.62 7.93
C1D HEM C . -15.69 -2.38 10.87
C2D HEM C . -16.49 -2.07 12.03
C3D HEM C . -16.82 -3.22 12.62
C4D HEM C . -16.24 -4.31 11.87
CMD HEM C . -16.89 -0.65 12.48
CAD HEM C . -17.67 -3.34 13.91
CBD HEM C . -16.71 -3.35 15.10
CGD HEM C . -17.47 -3.40 16.40
O1D HEM C . -17.11 -4.23 17.28
O2D HEM C . -18.44 -2.61 16.57
NA HEM C . -14.87 -6.51 10.38
NB HEM C . -13.32 -5.76 8.01
NC HEM C . -14.05 -3.00 8.45
ND HEM C . -15.56 -3.75 10.80
FE HEM C . -14.44 -4.77 9.39
S H2S D . -12.60 -4.35 10.55
S H2S E . -12.54 6.19 19.88
CHA HEM F . 9.38 10.30 -16.12
CHB HEM F . 8.92 11.02 -11.32
CHC HEM F . 4.68 8.67 -11.46
CHD HEM F . 5.34 7.57 -16.14
C1A HEM F . 9.63 10.70 -14.82
C2A HEM F . 10.79 11.43 -14.37
C3A HEM F . 10.68 11.62 -13.05
C4A HEM F . 9.43 11.03 -12.61
CMA HEM F . 11.68 12.36 -12.14
CAA HEM F . 11.96 11.87 -15.28
CBA HEM F . 11.66 13.23 -15.93
CGA HEM F . 12.88 13.72 -16.68
O1A HEM F . 13.12 14.95 -16.68
O2A HEM F . 13.61 12.88 -17.27
C1B HEM F . 7.71 10.49 -10.94
C2B HEM F . 7.09 10.58 -9.62
C3B HEM F . 5.92 9.93 -9.67
C4B HEM F . 5.75 9.40 -11.01
CMB HEM F . 7.74 11.33 -8.43
CAB HEM F . 4.85 9.71 -8.57
CBB HEM F . 5.01 9.99 -7.28
C1C HEM F . 4.54 8.08 -12.70
C2C HEM F . 3.58 7.05 -13.05
C3C HEM F . 3.75 6.74 -14.35
C4C HEM F . 4.84 7.56 -14.85
CMC HEM F . 2.56 6.48 -12.03
CAC HEM F . 3.01 5.71 -15.24
CBC HEM F . 2.05 4.88 -14.80
C1D HEM F . 6.49 8.23 -16.54
C2D HEM F . 7.05 8.23 -17.88
C3D HEM F . 8.16 8.97 -17.87
C4D HEM F . 8.34 9.49 -16.53
CMD HEM F . 6.45 7.48 -19.09
CAD HEM F . 9.09 9.26 -19.08
CBD HEM F . 8.68 10.58 -19.73
CGD HEM F . 9.70 10.99 -20.77
O1D HEM F . 9.35 11.80 -21.65
O2D HEM F . 10.86 10.50 -20.70
NA HEM F . 8.83 10.48 -13.72
NB HEM F . 6.86 9.76 -11.76
NC HEM F . 5.30 8.36 -13.82
ND HEM F . 7.31 9.01 -15.75
FE HEM F . 7.10 9.35 -13.77
S H2S G . 8.09 7.47 -13.34
#